data_7L7L
#
_entry.id   7L7L
#
_cell.length_a   54.856
_cell.length_b   58.773
_cell.length_c   59.980
_cell.angle_alpha   90.000
_cell.angle_beta   90.000
_cell.angle_gamma   90.000
#
_symmetry.space_group_name_H-M   'P 21 21 21'
#
loop_
_entity.id
_entity.type
_entity.pdbx_description
1 polymer 'NS3/4A protease'
2 non-polymer 'ZINC ION'
3 non-polymer 1,2-ETHANEDIOL
4 non-polymer '1,1,1-trifluoro-2-methylpropan-2-yl [(2R,6S,12Z,13aS,14aR,16aS)-2-{[6-methoxy-3-(trifluoromethyl)quinoxalin-2-yl]oxy}-14a-{[(1-methylcyclopropyl)sulfonyl]carbamoyl}-5,16-dioxo-1,2,3,5,6,7,8,9,10,11,13a,14,14a,15,16,16a-hexadecahydrocyclopropa[e]pyrrolo[1,2-a][1,4]diazacyclopentadecin-6-yl]carbamate'
5 water water
#
_entity_poly.entity_id   1
_entity_poly.type   'polypeptide(L)'
_entity_poly.pdbx_seq_one_letter_code
;HMASMKKKGSVVIVGRINLSGDTAYAQQTRGEEGCQETSQTGRDKNQVEGEVQIVSTATQTFLATSINGVLWTVYHGAGT
RTIASPKGPVTQMYTNVDKDLVGWQAPQGSRSLTPCTCGSSDLYLVTRHADVIPVRRRGDSRGSLLSPRPISYLKGSSGG
PLLCPAGHAVGIFRAAVSTRGVAKAVAFIPVESLETTMRS
;
_entity_poly.pdbx_strand_id   A
#
# COMPACT_ATOMS: atom_id res chain seq x y z
N HIS A 1 5.18 -31.21 -13.78
CA HIS A 1 6.03 -32.08 -12.99
C HIS A 1 6.99 -31.27 -12.12
N MET A 2 7.73 -31.95 -11.24
CA MET A 2 8.47 -31.24 -10.20
C MET A 2 9.68 -30.51 -10.75
N ALA A 3 10.36 -31.07 -11.75
CA ALA A 3 11.58 -30.43 -12.23
C ALA A 3 11.30 -29.03 -12.76
N SER A 4 10.09 -28.81 -13.29
CA SER A 4 9.77 -27.57 -13.99
C SER A 4 8.84 -26.66 -13.19
N MET A 5 8.63 -26.94 -11.91
CA MET A 5 7.79 -26.07 -11.12
C MET A 5 8.45 -24.70 -10.92
N LYS A 6 7.68 -23.66 -11.21
CA LYS A 6 8.13 -22.28 -11.15
C LYS A 6 7.90 -21.72 -9.75
N LYS A 7 8.73 -20.76 -9.36
CA LYS A 7 8.54 -20.01 -8.12
C LYS A 7 7.98 -18.64 -8.46
N LYS A 8 6.99 -18.19 -7.69
CA LYS A 8 6.47 -16.84 -7.87
C LYS A 8 7.54 -15.82 -7.48
N GLY A 9 7.54 -14.70 -8.18
CA GLY A 9 8.53 -13.66 -7.96
C GLY A 9 8.20 -12.86 -6.71
N SER A 10 9.09 -11.93 -6.39
CA SER A 10 8.88 -11.06 -5.25
C SER A 10 8.05 -9.86 -5.68
N VAL A 11 7.34 -9.28 -4.70
CA VAL A 11 6.88 -7.90 -4.84
C VAL A 11 8.08 -7.00 -4.96
N VAL A 12 7.98 -5.98 -5.82
CA VAL A 12 9.07 -5.05 -6.11
C VAL A 12 8.58 -3.61 -5.94
N ILE A 13 9.35 -2.81 -5.22
CA ILE A 13 9.07 -1.37 -5.13
C ILE A 13 9.48 -0.73 -6.44
N VAL A 14 8.54 -0.08 -7.11
CA VAL A 14 8.80 0.56 -8.39
C VAL A 14 8.63 2.07 -8.33
N GLY A 15 8.23 2.61 -7.19
CA GLY A 15 8.13 4.05 -7.06
C GLY A 15 7.63 4.43 -5.69
N ARG A 16 7.32 5.70 -5.55
CA ARG A 16 6.80 6.13 -4.26
C ARG A 16 5.89 7.33 -4.47
N ILE A 17 5.12 7.64 -3.43
CA ILE A 17 4.34 8.87 -3.38
C ILE A 17 5.11 9.83 -2.49
N ASN A 18 5.53 10.95 -3.09
CA ASN A 18 6.30 11.96 -2.36
C ASN A 18 5.32 12.83 -1.60
N LEU A 19 5.44 12.81 -0.28
CA LEU A 19 4.63 13.63 0.61
C LEU A 19 5.49 14.58 1.42
N SER A 20 6.78 14.68 1.11
CA SER A 20 7.71 15.38 1.99
C SER A 20 7.55 16.89 1.94
N GLY A 21 6.99 17.43 0.86
CA GLY A 21 6.87 18.87 0.72
C GLY A 21 5.46 19.41 0.72
N ASP A 22 5.26 20.47 -0.06
CA ASP A 22 3.95 21.10 -0.16
C ASP A 22 3.09 20.48 -1.26
N THR A 23 3.69 19.69 -2.13
CA THR A 23 3.01 19.09 -3.28
C THR A 23 3.20 17.58 -3.24
N ALA A 24 2.11 16.83 -3.37
CA ALA A 24 2.18 15.38 -3.44
C ALA A 24 2.35 14.99 -4.89
N TYR A 25 3.32 14.12 -5.17
CA TYR A 25 3.50 13.63 -6.54
C TYR A 25 4.08 12.23 -6.54
N ALA A 26 3.72 11.47 -7.57
CA ALA A 26 4.25 10.13 -7.72
C ALA A 26 5.62 10.20 -8.37
N GLN A 27 6.52 9.34 -7.92
CA GLN A 27 7.83 9.19 -8.54
C GLN A 27 8.04 7.74 -8.95
N GLN A 28 8.45 7.51 -10.18
CA GLN A 28 8.85 6.16 -10.53
C GLN A 28 10.34 6.00 -10.24
N THR A 29 10.71 4.87 -9.64
CA THR A 29 12.11 4.59 -9.36
C THR A 29 12.64 3.39 -10.14
N ARG A 30 11.79 2.62 -10.80
CA ARG A 30 12.21 1.48 -11.60
C ARG A 30 11.22 1.26 -12.72
N GLY A 31 11.76 1.05 -13.92
CA GLY A 31 10.93 0.71 -15.07
C GLY A 31 10.61 -0.77 -15.16
N GLU A 32 9.78 -1.10 -16.16
CA GLU A 32 9.13 -2.41 -16.20
C GLU A 32 10.14 -3.54 -16.32
N GLU A 33 11.14 -3.39 -17.20
CA GLU A 33 12.12 -4.46 -17.38
C GLU A 33 12.90 -4.72 -16.09
N GLY A 34 13.40 -3.66 -15.48
CA GLY A 34 14.10 -3.82 -14.22
C GLY A 34 13.19 -4.38 -13.13
N CYS A 35 11.90 -4.06 -13.16
CA CYS A 35 10.99 -4.66 -12.20
C CYS A 35 10.90 -6.18 -12.41
N GLN A 36 10.77 -6.61 -13.67
CA GLN A 36 10.69 -8.03 -13.96
C GLN A 36 11.94 -8.76 -13.47
N GLU A 37 13.12 -8.20 -13.75
CA GLU A 37 14.37 -8.80 -13.33
C GLU A 37 14.46 -8.87 -11.81
N THR A 38 14.14 -7.77 -11.14
CA THR A 38 14.22 -7.70 -9.68
C THR A 38 13.20 -8.64 -9.05
N SER A 39 12.06 -8.86 -9.70
CA SER A 39 11.07 -9.77 -9.15
C SER A 39 11.60 -11.20 -9.11
N GLN A 40 12.34 -11.61 -10.14
CA GLN A 40 12.84 -12.98 -10.18
C GLN A 40 13.98 -13.18 -9.19
N THR A 41 14.87 -12.20 -9.09
CA THR A 41 16.02 -12.36 -8.21
C THR A 41 15.69 -12.03 -6.77
N GLY A 42 14.70 -11.16 -6.56
CA GLY A 42 14.44 -10.63 -5.24
C GLY A 42 15.51 -9.71 -4.68
N ARG A 43 16.46 -9.28 -5.50
CA ARG A 43 17.55 -8.42 -5.09
C ARG A 43 17.27 -7.04 -5.66
N ASP A 44 16.94 -6.11 -4.78
CA ASP A 44 16.63 -4.73 -5.13
C ASP A 44 17.65 -3.84 -4.44
N LYS A 45 18.57 -3.28 -5.22
CA LYS A 45 19.60 -2.41 -4.69
C LYS A 45 19.18 -0.94 -4.60
N ASN A 46 18.01 -0.58 -5.11
CA ASN A 46 17.64 0.83 -5.13
C ASN A 46 17.48 1.36 -3.71
N GLN A 47 17.79 2.64 -3.53
CA GLN A 47 17.54 3.32 -2.27
C GLN A 47 16.04 3.59 -2.13
N VAL A 48 15.51 3.29 -0.94
CA VAL A 48 14.08 3.47 -0.67
C VAL A 48 13.90 4.72 0.17
N GLU A 49 12.87 5.50 -0.15
CA GLU A 49 12.53 6.66 0.65
C GLU A 49 11.03 6.72 0.88
N GLY A 50 10.64 7.46 1.91
CA GLY A 50 9.24 7.82 2.09
C GLY A 50 8.37 6.76 2.75
N GLU A 51 7.09 7.13 2.88
CA GLU A 51 6.09 6.34 3.62
C GLU A 51 5.23 5.45 2.74
N VAL A 52 4.88 5.89 1.54
CA VAL A 52 4.00 5.17 0.62
C VAL A 52 4.83 4.75 -0.59
N GLN A 53 4.96 3.45 -0.78
CA GLN A 53 5.64 2.87 -1.93
C GLN A 53 4.62 2.45 -2.97
N ILE A 54 5.00 2.59 -4.23
CA ILE A 54 4.31 1.93 -5.33
C ILE A 54 5.01 0.60 -5.56
N VAL A 55 4.23 -0.48 -5.58
CA VAL A 55 4.78 -1.82 -5.68
C VAL A 55 4.16 -2.57 -6.84
N SER A 56 4.87 -3.60 -7.29
CA SER A 56 4.39 -4.35 -8.42
C SER A 56 4.79 -5.81 -8.31
N THR A 57 3.94 -6.67 -8.86
CA THR A 57 4.31 -8.04 -9.18
C THR A 57 4.41 -8.16 -10.71
N ALA A 58 4.53 -9.39 -11.22
CA ALA A 58 4.55 -9.55 -12.66
C ALA A 58 3.21 -9.13 -13.29
N THR A 59 2.12 -9.21 -12.53
CA THR A 59 0.81 -9.02 -13.10
C THR A 59 -0.02 -7.89 -12.49
N GLN A 60 0.40 -7.30 -11.37
CA GLN A 60 -0.42 -6.31 -10.69
C GLN A 60 0.45 -5.19 -10.16
N THR A 61 -0.15 -4.01 -9.99
CA THR A 61 0.55 -2.92 -9.34
C THR A 61 -0.42 -2.25 -8.38
N PHE A 62 0.09 -1.82 -7.23
CA PHE A 62 -0.72 -1.32 -6.12
C PHE A 62 0.23 -0.56 -5.20
N LEU A 63 -0.19 -0.33 -3.95
CA LEU A 63 0.60 0.48 -3.04
C LEU A 63 0.96 -0.30 -1.78
N ALA A 64 1.92 0.23 -1.04
CA ALA A 64 2.29 -0.29 0.27
C ALA A 64 2.74 0.87 1.16
N THR A 65 2.39 0.78 2.44
CA THR A 65 2.50 1.91 3.36
C THR A 65 3.21 1.49 4.64
N SER A 66 4.22 2.26 5.05
CA SER A 66 4.98 1.94 6.26
C SER A 66 4.30 2.59 7.46
N ILE A 67 3.97 1.79 8.46
CA ILE A 67 3.39 2.26 9.72
C ILE A 67 4.12 1.52 10.84
N ASN A 68 4.69 2.25 11.77
CA ASN A 68 5.49 1.71 12.88
C ASN A 68 6.45 0.59 12.47
N GLY A 69 7.25 0.86 11.44
CA GLY A 69 8.33 -0.06 11.12
C GLY A 69 7.93 -1.28 10.32
N VAL A 70 6.70 -1.33 9.82
CA VAL A 70 6.16 -2.43 9.01
C VAL A 70 5.64 -1.84 7.71
N LEU A 71 6.04 -2.41 6.57
CA LEU A 71 5.46 -2.09 5.28
C LEU A 71 4.26 -2.99 5.06
N TRP A 72 3.08 -2.39 5.03
CA TRP A 72 1.80 -3.05 4.95
C TRP A 72 1.21 -2.94 3.55
N THR A 73 0.48 -3.98 3.13
CA THR A 73 -0.29 -3.93 1.89
C THR A 73 -1.40 -4.99 1.94
N VAL A 74 -2.14 -5.14 0.82
CA VAL A 74 -3.29 -6.01 0.76
C VAL A 74 -2.87 -7.40 0.28
N TYR A 75 -3.48 -8.41 0.88
CA TYR A 75 -3.24 -9.78 0.44
C TYR A 75 -3.69 -9.98 -1.00
N HIS A 76 -4.76 -9.30 -1.44
CA HIS A 76 -5.24 -9.55 -2.80
C HIS A 76 -4.28 -9.00 -3.85
N GLY A 77 -3.32 -8.18 -3.44
CA GLY A 77 -2.24 -7.77 -4.31
C GLY A 77 -0.99 -8.64 -4.14
N ALA A 78 -0.54 -8.84 -2.91
CA ALA A 78 0.75 -9.47 -2.66
C ALA A 78 0.68 -10.98 -2.46
N GLY A 79 -0.50 -11.52 -2.14
CA GLY A 79 -0.55 -12.91 -1.70
C GLY A 79 0.45 -13.16 -0.60
N THR A 80 1.13 -14.32 -0.66
CA THR A 80 2.15 -14.68 0.30
C THR A 80 3.56 -14.30 -0.18
N ARG A 81 3.70 -13.38 -1.13
CA ARG A 81 5.00 -13.23 -1.77
C ARG A 81 6.01 -12.58 -0.84
N THR A 82 7.27 -12.89 -1.08
CA THR A 82 8.36 -12.10 -0.52
C THR A 82 8.40 -10.72 -1.17
N ILE A 83 9.19 -9.83 -0.58
CA ILE A 83 9.49 -8.52 -1.15
C ILE A 83 10.98 -8.43 -1.45
N ALA A 84 11.31 -7.82 -2.59
CA ALA A 84 12.71 -7.67 -2.97
C ALA A 84 13.41 -6.68 -2.04
N SER A 85 14.67 -6.94 -1.74
CA SER A 85 15.46 -6.09 -0.85
C SER A 85 16.92 -6.14 -1.29
N PRO A 86 17.77 -5.28 -0.73
CA PRO A 86 19.17 -5.30 -1.18
C PRO A 86 19.88 -6.61 -0.90
N LYS A 87 19.42 -7.39 0.07
CA LYS A 87 20.03 -8.66 0.43
C LYS A 87 19.27 -9.87 -0.11
N GLY A 88 18.24 -9.67 -0.93
CA GLY A 88 17.42 -10.74 -1.44
C GLY A 88 16.01 -10.74 -0.89
N PRO A 89 15.22 -11.77 -1.21
CA PRO A 89 13.79 -11.73 -0.86
C PRO A 89 13.60 -11.74 0.65
N VAL A 90 12.62 -10.98 1.12
CA VAL A 90 12.27 -10.89 2.53
C VAL A 90 10.88 -11.51 2.72
N THR A 91 10.79 -12.49 3.62
CA THR A 91 9.53 -13.16 3.93
C THR A 91 8.62 -12.25 4.74
N GLN A 92 7.32 -12.33 4.47
CA GLN A 92 6.35 -11.57 5.24
C GLN A 92 6.51 -11.89 6.73
N MET A 93 6.49 -10.83 7.55
CA MET A 93 6.23 -11.02 8.97
C MET A 93 4.76 -11.05 9.37
N TYR A 94 3.80 -10.55 8.58
CA TYR A 94 2.40 -10.68 8.94
C TYR A 94 1.65 -11.14 7.72
N THR A 95 0.73 -12.09 7.88
CA THR A 95 -0.15 -12.50 6.79
C THR A 95 -1.50 -12.75 7.40
N ASN A 96 -2.53 -12.04 6.94
CA ASN A 96 -3.89 -12.26 7.45
C ASN A 96 -4.91 -12.15 6.33
N VAL A 97 -5.21 -13.29 5.69
CA VAL A 97 -6.16 -13.29 4.59
C VAL A 97 -7.53 -12.79 5.03
N ASP A 98 -7.92 -13.05 6.29
CA ASP A 98 -9.23 -12.63 6.77
C ASP A 98 -9.39 -11.11 6.84
N LYS A 99 -8.28 -10.38 6.95
CA LYS A 99 -8.29 -8.93 6.92
C LYS A 99 -7.79 -8.36 5.59
N ASP A 100 -7.44 -9.23 4.64
CA ASP A 100 -6.84 -8.84 3.35
C ASP A 100 -5.54 -8.08 3.54
N LEU A 101 -4.71 -8.54 4.48
CA LEU A 101 -3.60 -7.76 5.00
C LEU A 101 -2.31 -8.57 5.00
N VAL A 102 -1.22 -7.97 4.53
CA VAL A 102 0.10 -8.54 4.73
C VAL A 102 1.06 -7.44 5.16
N GLY A 103 2.18 -7.86 5.73
CA GLY A 103 3.19 -6.91 6.13
C GLY A 103 4.58 -7.51 6.07
N TRP A 104 5.56 -6.70 5.66
CA TRP A 104 6.97 -7.02 5.77
C TRP A 104 7.67 -5.98 6.64
N GLN A 105 8.81 -6.35 7.21
CA GLN A 105 9.65 -5.34 7.85
C GLN A 105 9.88 -4.17 6.90
N ALA A 106 9.79 -2.96 7.44
CA ALA A 106 9.87 -1.77 6.60
C ALA A 106 11.27 -1.66 5.99
N PRO A 107 11.37 -1.37 4.70
CA PRO A 107 12.69 -1.31 4.06
C PRO A 107 13.59 -0.25 4.69
N GLN A 108 14.87 -0.56 4.75
CA GLN A 108 15.85 0.42 5.19
C GLN A 108 15.71 1.71 4.38
N GLY A 109 15.54 2.83 5.06
CA GLY A 109 15.44 4.11 4.39
C GLY A 109 14.04 4.67 4.23
N SER A 110 13.03 3.82 4.38
CA SER A 110 11.66 4.25 4.42
C SER A 110 11.41 5.07 5.65
N ARG A 111 10.30 5.71 5.64
CA ARG A 111 9.93 6.48 6.79
C ARG A 111 8.58 5.92 7.21
N SER A 112 8.27 5.81 8.51
CA SER A 112 6.97 5.25 8.87
C SER A 112 5.99 6.31 9.30
N LEU A 113 4.71 6.07 9.02
CA LEU A 113 3.63 6.85 9.62
C LEU A 113 3.35 6.35 11.03
N THR A 114 2.89 7.25 11.87
CA THR A 114 2.46 6.96 13.24
C THR A 114 0.98 6.61 13.28
N PRO A 115 0.60 5.54 13.98
CA PRO A 115 -0.83 5.21 14.07
C PRO A 115 -1.60 6.34 14.74
N CYS A 116 -2.74 6.69 14.16
CA CYS A 116 -3.54 7.78 14.67
C CYS A 116 -4.22 7.43 15.98
N THR A 117 -4.16 8.35 16.94
CA THR A 117 -4.95 8.27 18.16
C THR A 117 -5.88 9.48 18.32
N CYS A 118 -6.12 10.23 17.24
CA CYS A 118 -6.91 11.46 17.34
C CYS A 118 -8.39 11.18 17.49
N GLY A 119 -8.85 10.01 17.04
CA GLY A 119 -10.28 9.76 17.04
C GLY A 119 -11.07 10.69 16.14
N SER A 120 -10.44 11.20 15.08
CA SER A 120 -11.07 12.14 14.14
C SER A 120 -11.71 11.37 13.00
N SER A 121 -12.77 11.94 12.41
CA SER A 121 -13.44 11.33 11.28
C SER A 121 -13.22 12.07 9.95
N ASP A 122 -12.37 13.09 9.92
CA ASP A 122 -12.07 13.82 8.69
C ASP A 122 -10.75 13.27 8.17
N LEU A 123 -10.83 12.40 7.17
CA LEU A 123 -9.69 11.66 6.67
C LEU A 123 -9.32 12.08 5.24
N TYR A 124 -8.19 11.53 4.79
CA TYR A 124 -7.59 11.84 3.50
C TYR A 124 -6.99 10.56 2.92
N LEU A 125 -7.49 10.15 1.77
CA LEU A 125 -6.98 8.98 1.07
C LEU A 125 -5.93 9.41 0.06
N VAL A 126 -4.78 8.72 0.07
CA VAL A 126 -3.69 9.01 -0.85
C VAL A 126 -3.63 7.91 -1.92
N THR A 127 -3.70 8.31 -3.18
CA THR A 127 -3.77 7.35 -4.27
C THR A 127 -2.43 7.22 -4.96
N ARG A 128 -2.35 6.23 -5.85
CA ARG A 128 -1.11 5.97 -6.56
C ARG A 128 -0.73 7.11 -7.50
N HIS A 129 -1.68 7.98 -7.84
CA HIS A 129 -1.42 9.18 -8.63
C HIS A 129 -1.16 10.40 -7.78
N ALA A 130 -0.96 10.20 -6.47
CA ALA A 130 -0.71 11.27 -5.52
C ALA A 130 -1.88 12.21 -5.41
N ASP A 131 -3.09 11.77 -5.76
CA ASP A 131 -4.26 12.52 -5.37
C ASP A 131 -4.49 12.34 -3.87
N VAL A 132 -4.89 13.42 -3.22
CA VAL A 132 -5.23 13.42 -1.81
C VAL A 132 -6.73 13.70 -1.72
N ILE A 133 -7.50 12.68 -1.40
CA ILE A 133 -8.95 12.66 -1.57
C ILE A 133 -9.59 12.78 -0.19
N PRO A 134 -10.31 13.85 0.11
CA PRO A 134 -11.04 13.90 1.39
C PRO A 134 -12.06 12.78 1.49
N VAL A 135 -12.10 12.17 2.67
CA VAL A 135 -12.96 11.04 2.99
C VAL A 135 -13.51 11.28 4.40
N ARG A 136 -14.82 11.18 4.56
CA ARG A 136 -15.44 11.24 5.87
C ARG A 136 -15.58 9.83 6.43
N ARG A 137 -15.02 9.58 7.61
CA ARG A 137 -15.15 8.26 8.21
C ARG A 137 -16.62 7.96 8.54
N ARG A 138 -17.10 6.76 8.16
CA ARG A 138 -18.51 6.40 8.33
C ARG A 138 -18.69 5.16 9.21
N GLY A 139 -17.60 4.52 9.60
CA GLY A 139 -17.65 3.36 10.48
C GLY A 139 -16.25 2.92 10.80
N ASP A 140 -16.14 1.73 11.41
CA ASP A 140 -14.81 1.24 11.79
C ASP A 140 -13.96 1.01 10.55
N SER A 141 -14.57 0.64 9.44
CA SER A 141 -13.80 0.25 8.26
C SER A 141 -14.32 0.84 6.97
N ARG A 142 -15.05 1.96 7.03
CA ARG A 142 -15.67 2.56 5.86
C ARG A 142 -15.57 4.08 5.93
N GLY A 143 -15.45 4.71 4.76
CA GLY A 143 -15.44 6.15 4.65
C GLY A 143 -16.05 6.56 3.31
N SER A 144 -16.73 7.71 3.29
CA SER A 144 -17.34 8.21 2.07
C SER A 144 -16.47 9.28 1.42
N LEU A 145 -16.41 9.24 0.09
CA LEU A 145 -15.72 10.28 -0.66
C LEU A 145 -16.58 11.54 -0.64
N LEU A 146 -15.98 12.66 -0.26
CA LEU A 146 -16.69 13.94 -0.39
C LEU A 146 -17.04 14.23 -1.84
N SER A 147 -16.15 13.90 -2.77
CA SER A 147 -16.40 14.03 -4.20
C SER A 147 -16.24 12.65 -4.83
N PRO A 148 -17.33 11.93 -5.10
CA PRO A 148 -17.22 10.60 -5.72
C PRO A 148 -16.49 10.68 -7.06
N ARG A 149 -15.98 9.52 -7.50
CA ARG A 149 -15.36 9.50 -8.81
C ARG A 149 -15.30 8.08 -9.32
N PRO A 150 -15.08 7.90 -10.61
CA PRO A 150 -15.13 6.56 -11.21
C PRO A 150 -14.09 5.67 -10.55
N ILE A 151 -14.39 4.39 -10.49
CA ILE A 151 -13.46 3.45 -9.85
C ILE A 151 -12.12 3.41 -10.58
N SER A 152 -12.09 3.81 -11.84
CA SER A 152 -10.83 3.88 -12.60
C SER A 152 -9.77 4.69 -11.88
N TYR A 153 -10.16 5.76 -11.21
CA TYR A 153 -9.22 6.65 -10.55
C TYR A 153 -8.64 6.06 -9.27
N LEU A 154 -9.35 5.10 -8.66
CA LEU A 154 -8.88 4.43 -7.47
C LEU A 154 -8.14 3.12 -7.74
N LYS A 155 -8.33 2.53 -8.93
CA LYS A 155 -7.70 1.25 -9.25
C LYS A 155 -6.19 1.34 -9.13
N GLY A 156 -5.58 0.37 -8.46
CA GLY A 156 -4.15 0.41 -8.22
C GLY A 156 -3.73 1.13 -6.96
N SER A 157 -4.67 1.55 -6.11
CA SER A 157 -4.34 2.26 -4.89
C SER A 157 -4.57 1.45 -3.63
N SER A 158 -5.05 0.21 -3.72
CA SER A 158 -5.13 -0.63 -2.54
C SER A 158 -3.75 -0.67 -1.88
N GLY A 159 -3.74 -0.70 -0.56
CA GLY A 159 -2.53 -0.65 0.23
C GLY A 159 -2.09 0.75 0.57
N GLY A 160 -2.71 1.77 -0.02
CA GLY A 160 -2.46 3.14 0.30
C GLY A 160 -3.10 3.57 1.61
N PRO A 161 -2.67 4.69 2.14
CA PRO A 161 -3.15 5.11 3.46
C PRO A 161 -4.37 6.01 3.43
N LEU A 162 -5.19 5.88 4.47
CA LEU A 162 -6.06 6.97 4.88
C LEU A 162 -5.37 7.63 6.07
N LEU A 163 -5.25 8.96 6.01
CA LEU A 163 -4.59 9.78 7.01
C LEU A 163 -5.58 10.71 7.70
N CYS A 164 -5.28 11.06 8.95
CA CYS A 164 -6.04 12.09 9.66
C CYS A 164 -5.54 13.47 9.26
N PRO A 165 -6.16 14.52 9.81
CA PRO A 165 -5.70 15.88 9.48
C PRO A 165 -4.24 16.13 9.86
N ALA A 166 -3.73 15.46 10.88
CA ALA A 166 -2.36 15.65 11.31
C ALA A 166 -1.37 14.70 10.65
N GLY A 167 -1.81 13.93 9.66
CA GLY A 167 -0.89 13.07 8.96
C GLY A 167 -0.64 11.71 9.58
N HIS A 168 -1.41 11.32 10.60
CA HIS A 168 -1.24 9.97 11.13
C HIS A 168 -1.96 8.95 10.27
N ALA A 169 -1.53 7.69 10.37
CA ALA A 169 -2.17 6.60 9.63
C ALA A 169 -3.43 6.15 10.35
N VAL A 170 -4.57 6.21 9.65
CA VAL A 170 -5.84 5.78 10.20
C VAL A 170 -6.24 4.40 9.67
N GLY A 171 -5.76 4.05 8.49
CA GLY A 171 -6.14 2.78 7.89
C GLY A 171 -5.43 2.56 6.57
N ILE A 172 -5.62 1.34 6.04
CA ILE A 172 -5.05 0.89 4.75
C ILE A 172 -6.21 0.64 3.76
N PHE A 173 -6.18 1.32 2.60
CA PHE A 173 -7.24 1.18 1.58
C PHE A 173 -7.31 -0.25 1.06
N ARG A 174 -8.51 -0.85 1.08
CA ARG A 174 -8.72 -2.24 0.73
C ARG A 174 -9.61 -2.42 -0.50
N ALA A 175 -10.77 -1.75 -0.52
CA ALA A 175 -11.75 -1.99 -1.57
C ALA A 175 -12.59 -0.74 -1.78
N ALA A 176 -13.12 -0.60 -2.99
CA ALA A 176 -14.03 0.50 -3.33
C ALA A 176 -15.48 0.03 -3.31
N VAL A 177 -16.34 0.88 -2.77
CA VAL A 177 -17.78 0.67 -2.78
C VAL A 177 -18.30 1.39 -4.02
N SER A 178 -18.74 0.61 -5.01
CA SER A 178 -19.01 1.09 -6.36
C SER A 178 -20.45 0.84 -6.73
N THR A 179 -21.09 1.85 -7.32
CA THR A 179 -22.43 1.69 -7.88
C THR A 179 -22.38 2.23 -9.29
N ARG A 180 -22.68 1.37 -10.25
CA ARG A 180 -22.57 1.73 -11.66
C ARG A 180 -21.24 2.40 -11.94
N GLY A 181 -20.18 1.84 -11.36
CA GLY A 181 -18.83 2.27 -11.65
C GLY A 181 -18.35 3.50 -10.92
N VAL A 182 -19.16 4.12 -10.07
CA VAL A 182 -18.77 5.29 -9.29
C VAL A 182 -18.42 4.87 -7.87
N ALA A 183 -17.25 5.27 -7.39
CA ALA A 183 -16.86 5.03 -6.01
C ALA A 183 -17.46 6.13 -5.15
N LYS A 184 -18.51 5.81 -4.36
CA LYS A 184 -19.01 6.75 -3.37
C LYS A 184 -18.36 6.55 -2.02
N ALA A 185 -17.73 5.41 -1.80
CA ALA A 185 -17.17 5.09 -0.49
C ALA A 185 -16.05 4.08 -0.67
N VAL A 186 -15.26 3.93 0.40
CA VAL A 186 -14.13 3.01 0.40
C VAL A 186 -14.17 2.21 1.70
N ALA A 187 -13.66 0.98 1.61
CA ALA A 187 -13.42 0.15 2.77
C ALA A 187 -11.92 0.15 3.03
N PHE A 188 -11.54 0.16 4.30
CA PHE A 188 -10.14 0.13 4.64
C PHE A 188 -9.91 -0.74 5.86
N ILE A 189 -8.65 -1.13 6.05
CA ILE A 189 -8.21 -1.86 7.23
C ILE A 189 -7.87 -0.83 8.32
N PRO A 190 -8.59 -0.78 9.43
CA PRO A 190 -8.27 0.22 10.47
C PRO A 190 -6.88 -0.04 11.04
N VAL A 191 -6.20 1.05 11.40
CA VAL A 191 -4.85 0.89 11.95
C VAL A 191 -4.89 0.12 13.26
N GLU A 192 -5.99 0.20 14.00
CA GLU A 192 -6.08 -0.61 15.22
C GLU A 192 -5.96 -2.09 14.92
N SER A 193 -6.49 -2.52 13.77
CA SER A 193 -6.39 -3.92 13.39
C SER A 193 -4.95 -4.28 13.05
N LEU A 194 -4.21 -3.34 12.45
CA LEU A 194 -2.77 -3.54 12.27
C LEU A 194 -2.08 -3.58 13.63
N GLU A 195 -2.44 -2.67 14.54
CA GLU A 195 -1.78 -2.61 15.83
C GLU A 195 -1.97 -3.89 16.63
N THR A 196 -3.14 -4.52 16.51
CA THR A 196 -3.37 -5.80 17.15
C THR A 196 -2.46 -6.87 16.55
N THR A 197 -2.42 -6.94 15.22
CA THR A 197 -1.59 -7.94 14.55
C THR A 197 -0.15 -7.83 15.02
N MET A 198 0.33 -6.61 15.25
CA MET A 198 1.70 -6.43 15.69
C MET A 198 1.95 -6.98 17.11
#